data_6P6M
#
_entry.id   6P6M
#
_cell.length_a   53.226
_cell.length_b   58.550
_cell.length_c   60.356
_cell.angle_alpha   90.00
_cell.angle_beta   90.00
_cell.angle_gamma   90.00
#
_symmetry.space_group_name_H-M   'P 21 21 21'
#
loop_
_entity.id
_entity.type
_entity.pdbx_description
1 polymer 'Non-structural protein 4A, Serine protease NS3'
2 non-polymer Glecaprevir
3 non-polymer 'ZINC ION'
4 non-polymer 'SULFATE ION'
5 non-polymer 'CHLORIDE ION'
6 water water
#
_entity_poly.entity_id   1
_entity_poly.type   'polypeptide(L)'
_entity_poly.pdbx_seq_one_letter_code
;GSHMASMKKKGSVVIVGRINLSGDTAYAQQTRGEEGCQETSQTGRDKNQVEGEVQIVSTATQTFLATSINGVLWTVYHGA
GTRTIASPKGPVTQMYTNVDKDLVGWQAPQGSRSLTPCTCGSSDLYLVTRHADVIPVRRRGDSRGSLLSPRPISYLKGSS
GGPLLCPAGHAVGIFRAAVCTRGVAKAVDFIPVESLETTMRSP
;
_entity_poly.pdbx_strand_id   A
#
loop_
_chem_comp.id
_chem_comp.type
_chem_comp.name
_chem_comp.formula
CL non-polymer 'CHLORIDE ION' 'Cl -1'
O31 non-polymer Glecaprevir 'C38 H46 F4 N6 O9 S'
SO4 non-polymer 'SULFATE ION' 'O4 S -2'
ZN non-polymer 'ZINC ION' 'Zn 2'
#
# COMPACT_ATOMS: atom_id res chain seq x y z
N GLY A 1 -27.98 -20.85 12.68
CA GLY A 1 -26.92 -21.30 13.55
C GLY A 1 -25.59 -21.47 12.83
N SER A 2 -24.55 -21.81 13.59
CA SER A 2 -23.15 -21.83 13.18
C SER A 2 -22.43 -22.79 14.12
N HIS A 3 -21.42 -23.49 13.60
CA HIS A 3 -20.58 -24.27 14.50
C HIS A 3 -19.40 -23.38 14.90
N MET A 4 -19.46 -22.81 16.11
CA MET A 4 -18.47 -21.81 16.50
C MET A 4 -17.08 -22.41 16.71
N ALA A 5 -17.00 -23.67 17.15
CA ALA A 5 -15.70 -24.26 17.43
C ALA A 5 -14.87 -24.41 16.17
N SER A 6 -15.50 -24.57 15.01
CA SER A 6 -14.79 -24.68 13.75
C SER A 6 -14.65 -23.35 13.03
N MET A 7 -15.22 -22.28 13.56
CA MET A 7 -15.17 -20.96 12.93
C MET A 7 -13.73 -20.54 12.65
N LYS A 8 -13.39 -20.42 11.37
CA LYS A 8 -12.07 -19.97 10.96
C LYS A 8 -11.83 -18.52 11.38
N LYS A 9 -10.56 -18.15 11.46
CA LYS A 9 -10.14 -16.78 11.72
C LYS A 9 -9.21 -16.33 10.61
N LYS A 10 -9.53 -15.19 9.99
CA LYS A 10 -8.70 -14.66 8.92
C LYS A 10 -7.32 -14.30 9.44
N GLY A 11 -6.30 -14.56 8.63
CA GLY A 11 -4.93 -14.28 9.00
C GLY A 11 -4.62 -12.80 8.95
N SER A 12 -3.39 -12.48 9.35
CA SER A 12 -2.90 -11.12 9.34
C SER A 12 -2.29 -10.79 7.97
N VAL A 13 -2.29 -9.49 7.65
CA VAL A 13 -1.51 -9.01 6.52
C VAL A 13 -0.04 -9.15 6.84
N VAL A 14 0.74 -9.60 5.87
CA VAL A 14 2.16 -9.90 6.07
C VAL A 14 2.97 -9.05 5.11
N ILE A 15 4.04 -8.42 5.63
CA ILE A 15 5.02 -7.76 4.79
C ILE A 15 5.91 -8.83 4.16
N VAL A 16 5.95 -8.86 2.83
CA VAL A 16 6.72 -9.84 2.09
C VAL A 16 7.83 -9.21 1.26
N GLY A 17 8.00 -7.90 1.31
CA GLY A 17 9.05 -7.24 0.55
C GLY A 17 8.89 -5.74 0.63
N ARG A 18 9.65 -5.06 -0.23
CA ARG A 18 9.63 -3.60 -0.25
C ARG A 18 10.06 -3.12 -1.62
N ILE A 19 9.74 -1.86 -1.90
CA ILE A 19 10.24 -1.16 -3.08
C ILE A 19 11.35 -0.23 -2.59
N ASN A 20 12.58 -0.53 -2.98
CA ASN A 20 13.72 0.25 -2.53
C ASN A 20 13.83 1.54 -3.33
N LEU A 21 13.79 2.69 -2.64
CA LEU A 21 13.92 3.99 -3.27
C LEU A 21 15.01 4.84 -2.62
N SER A 22 15.95 4.20 -1.92
CA SER A 22 16.98 4.94 -1.20
C SER A 22 18.15 5.31 -2.09
N GLY A 23 18.52 4.44 -3.02
CA GLY A 23 19.61 4.68 -3.92
C GLY A 23 19.18 5.46 -5.14
N ASP A 24 19.98 5.37 -6.21
CA ASP A 24 19.66 6.03 -7.46
C ASP A 24 18.75 5.20 -8.35
N THR A 25 18.50 3.94 -8.00
CA THR A 25 17.70 3.03 -8.82
C THR A 25 16.56 2.44 -7.98
N ALA A 26 15.39 2.35 -8.60
CA ALA A 26 14.20 1.80 -7.96
C ALA A 26 14.08 0.32 -8.33
N TYR A 27 14.07 -0.55 -7.33
CA TYR A 27 13.92 -1.98 -7.56
C TYR A 27 13.18 -2.60 -6.39
N ALA A 28 12.46 -3.67 -6.66
CA ALA A 28 11.71 -4.40 -5.65
C ALA A 28 12.58 -5.47 -5.01
N GLN A 29 12.41 -5.66 -3.70
CA GLN A 29 13.07 -6.72 -2.96
C GLN A 29 12.01 -7.56 -2.26
N GLN A 30 12.17 -8.88 -2.33
CA GLN A 30 11.33 -9.79 -1.56
C GLN A 30 12.08 -10.19 -0.29
N THR A 31 11.41 -10.09 0.84
CA THR A 31 12.01 -10.41 2.14
C THR A 31 11.45 -11.67 2.76
N ARG A 32 10.42 -12.28 2.18
CA ARG A 32 9.80 -13.46 2.75
C ARG A 32 9.14 -14.27 1.65
N GLY A 33 9.33 -15.60 1.70
CA GLY A 33 8.73 -16.48 0.72
C GLY A 33 7.33 -16.92 1.10
N GLU A 34 6.70 -17.63 0.16
CA GLU A 34 5.31 -18.05 0.36
C GLU A 34 5.14 -18.83 1.65
N GLU A 35 5.98 -19.86 1.86
CA GLU A 35 5.86 -20.68 3.06
C GLU A 35 5.89 -19.82 4.31
N GLY A 36 6.93 -18.99 4.45
CA GLY A 36 7.02 -18.13 5.61
C GLY A 36 5.88 -17.15 5.71
N CYS A 37 5.36 -16.70 4.57
CA CYS A 37 4.26 -15.75 4.57
C CYS A 37 3.03 -16.34 5.23
N GLN A 38 2.66 -17.57 4.83
CA GLN A 38 1.42 -18.17 5.34
C GLN A 38 1.50 -18.41 6.84
N GLU A 39 2.63 -18.92 7.33
CA GLU A 39 2.77 -19.12 8.77
C GLU A 39 2.75 -17.77 9.50
N THR A 40 3.37 -16.75 8.92
CA THR A 40 3.33 -15.43 9.54
C THR A 40 1.94 -14.83 9.54
N SER A 41 1.14 -15.13 8.51
CA SER A 41 -0.22 -14.61 8.45
C SER A 41 -1.07 -15.21 9.56
N GLN A 42 -0.90 -16.50 9.85
CA GLN A 42 -1.69 -17.15 10.89
C GLN A 42 -1.16 -16.83 12.29
N THR A 43 0.16 -16.71 12.43
CA THR A 43 0.73 -16.39 13.73
C THR A 43 0.56 -14.92 14.09
N GLY A 44 0.60 -14.04 13.09
CA GLY A 44 0.73 -12.63 13.34
C GLY A 44 2.09 -12.21 13.86
N ARG A 45 3.02 -13.15 13.98
N ARG A 45 3.03 -13.14 13.99
CA ARG A 45 4.35 -12.87 14.51
CA ARG A 45 4.35 -12.86 14.52
C ARG A 45 5.34 -12.76 13.36
C ARG A 45 5.34 -12.76 13.36
N ASP A 46 5.82 -11.55 13.11
CA ASP A 46 6.80 -11.29 12.05
C ASP A 46 8.01 -10.65 12.70
N LYS A 47 9.10 -11.42 12.81
CA LYS A 47 10.33 -10.93 13.44
C LYS A 47 11.31 -10.32 12.44
N ASN A 48 10.97 -10.29 11.16
CA ASN A 48 11.89 -9.76 10.16
C ASN A 48 12.07 -8.25 10.32
N GLN A 49 13.22 -7.76 9.88
N GLN A 49 13.23 -7.76 9.88
CA GLN A 49 13.50 -6.33 9.94
CA GLN A 49 13.51 -6.34 9.92
C GLN A 49 12.79 -5.62 8.79
C GLN A 49 12.77 -5.63 8.79
N VAL A 50 12.16 -4.49 9.11
CA VAL A 50 11.41 -3.71 8.13
C VAL A 50 12.24 -2.47 7.78
N GLU A 51 12.25 -2.12 6.50
CA GLU A 51 12.94 -0.92 6.04
C GLU A 51 12.13 -0.26 4.94
N GLY A 52 12.39 1.02 4.73
CA GLY A 52 11.84 1.74 3.60
C GLY A 52 10.44 2.26 3.84
N GLU A 53 9.93 2.93 2.81
CA GLU A 53 8.64 3.61 2.85
C GLU A 53 7.51 2.77 2.25
N VAL A 54 7.78 2.04 1.17
CA VAL A 54 6.78 1.31 0.42
C VAL A 54 6.99 -0.18 0.67
N GLN A 55 6.03 -0.80 1.34
CA GLN A 55 6.10 -2.23 1.63
C GLN A 55 5.28 -3.02 0.62
N ILE A 56 5.71 -4.24 0.35
CA ILE A 56 4.91 -5.23 -0.36
C ILE A 56 4.24 -6.10 0.68
N VAL A 57 2.92 -6.21 0.59
CA VAL A 57 2.12 -6.91 1.60
C VAL A 57 1.26 -7.95 0.89
N SER A 58 0.90 -9.00 1.63
N SER A 58 0.88 -8.99 1.62
CA SER A 58 0.13 -10.10 1.08
CA SER A 58 0.03 -10.01 1.02
C SER A 58 -0.75 -10.70 2.17
C SER A 58 -0.71 -10.76 2.11
N THR A 59 -1.93 -11.16 1.76
CA THR A 59 -2.75 -12.03 2.57
C THR A 59 -2.56 -13.44 2.00
N ALA A 60 -3.39 -14.39 2.41
CA ALA A 60 -3.34 -15.70 1.78
C ALA A 60 -3.92 -15.68 0.37
N THR A 61 -4.66 -14.63 0.02
CA THR A 61 -5.41 -14.58 -1.23
C THR A 61 -5.03 -13.44 -2.15
N GLN A 62 -4.40 -12.38 -1.64
CA GLN A 62 -4.08 -11.21 -2.45
C GLN A 62 -2.72 -10.67 -2.07
N THR A 63 -2.13 -9.92 -2.99
CA THR A 63 -0.87 -9.22 -2.75
C THR A 63 -0.98 -7.83 -3.33
N PHE A 64 -0.52 -6.84 -2.57
CA PHE A 64 -0.65 -5.44 -2.94
C PHE A 64 0.46 -4.67 -2.22
N LEU A 65 0.28 -3.37 -2.05
CA LEU A 65 1.29 -2.51 -1.46
C LEU A 65 0.74 -1.75 -0.26
N ALA A 66 1.66 -1.26 0.56
CA ALA A 66 1.34 -0.42 1.71
C ALA A 66 2.42 0.63 1.83
N THR A 67 2.01 1.87 2.13
CA THR A 67 2.90 3.01 2.14
C THR A 67 2.85 3.71 3.49
N SER A 68 4.02 4.11 3.98
CA SER A 68 4.15 4.76 5.28
C SER A 68 4.15 6.26 5.10
N ILE A 69 3.20 6.94 5.75
CA ILE A 69 3.10 8.39 5.72
C ILE A 69 2.73 8.87 7.12
N ASN A 70 3.48 9.85 7.62
CA ASN A 70 3.22 10.46 8.93
C ASN A 70 3.01 9.39 10.00
N GLY A 71 3.93 8.43 10.05
CA GLY A 71 3.91 7.43 11.09
C GLY A 71 2.83 6.37 10.96
N VAL A 72 2.11 6.34 9.84
CA VAL A 72 1.05 5.37 9.62
C VAL A 72 1.37 4.60 8.34
N LEU A 73 1.22 3.28 8.40
CA LEU A 73 1.36 2.43 7.22
C LEU A 73 -0.01 2.27 6.57
N TRP A 74 -0.19 2.90 5.41
CA TRP A 74 -1.48 2.95 4.76
C TRP A 74 -1.59 1.91 3.65
N THR A 75 -2.80 1.37 3.48
CA THR A 75 -3.11 0.52 2.33
C THR A 75 -4.60 0.68 2.02
N VAL A 76 -5.10 -0.16 1.11
CA VAL A 76 -6.48 -0.07 0.66
C VAL A 76 -7.34 -1.07 1.42
N TYR A 77 -8.61 -0.70 1.63
CA TYR A 77 -9.53 -1.59 2.35
C TYR A 77 -9.81 -2.86 1.54
N HIS A 78 -9.98 -2.73 0.23
CA HIS A 78 -10.33 -3.89 -0.58
C HIS A 78 -9.21 -4.93 -0.64
N GLY A 79 -8.02 -4.59 -0.15
CA GLY A 79 -6.95 -5.55 -0.08
C GLY A 79 -6.77 -6.11 1.33
N ALA A 80 -6.82 -5.22 2.32
CA ALA A 80 -6.55 -5.62 3.70
C ALA A 80 -7.81 -5.94 4.49
N GLY A 81 -8.97 -5.50 4.04
CA GLY A 81 -10.15 -5.62 4.88
C GLY A 81 -9.90 -5.00 6.23
N THR A 82 -10.39 -5.65 7.28
CA THR A 82 -10.18 -5.21 8.65
C THR A 82 -9.06 -5.99 9.34
N ARG A 83 -8.17 -6.60 8.57
CA ARG A 83 -7.21 -7.55 9.14
C ARG A 83 -6.15 -6.84 9.96
N THR A 84 -5.56 -7.59 10.89
CA THR A 84 -4.34 -7.17 11.57
C THR A 84 -3.15 -7.29 10.63
N ILE A 85 -2.06 -6.65 11.02
CA ILE A 85 -0.78 -6.78 10.32
C ILE A 85 0.19 -7.45 11.28
N ALA A 86 0.97 -8.40 10.75
CA ALA A 86 1.94 -9.12 11.58
C ALA A 86 3.06 -8.20 12.03
N SER A 87 3.59 -8.47 13.20
CA SER A 87 4.65 -7.65 13.79
C SER A 87 5.46 -8.50 14.73
N PRO A 88 6.60 -7.98 15.22
CA PRO A 88 7.43 -8.79 16.12
C PRO A 88 6.73 -9.19 17.41
N LYS A 89 5.82 -8.37 17.93
CA LYS A 89 5.12 -8.68 19.16
C LYS A 89 3.76 -9.33 18.91
N GLY A 90 3.40 -9.58 17.66
CA GLY A 90 2.14 -10.23 17.34
C GLY A 90 1.26 -9.39 16.44
N PRO A 91 0.03 -9.84 16.23
CA PRO A 91 -0.88 -9.10 15.34
C PRO A 91 -1.19 -7.71 15.88
N VAL A 92 -1.15 -6.73 14.98
CA VAL A 92 -1.38 -5.33 15.31
C VAL A 92 -2.70 -4.89 14.69
N THR A 93 -3.59 -4.35 15.52
CA THR A 93 -4.91 -3.94 15.07
C THR A 93 -4.82 -2.63 14.30
N GLN A 94 -5.76 -2.45 13.36
CA GLN A 94 -5.77 -1.25 12.53
C GLN A 94 -5.98 -0.01 13.38
N MET A 95 -5.19 1.02 13.09
CA MET A 95 -5.37 2.33 13.71
C MET A 95 -6.43 3.15 13.00
N TYR A 96 -6.58 2.94 11.68
CA TYR A 96 -7.57 3.63 10.88
C TYR A 96 -8.30 2.62 10.00
N THR A 97 -9.60 2.84 9.84
CA THR A 97 -10.41 2.02 8.93
C THR A 97 -11.51 2.92 8.36
N ASN A 98 -11.47 3.14 7.05
CA ASN A 98 -12.50 3.93 6.38
C ASN A 98 -12.84 3.25 5.06
N VAL A 99 -13.99 2.57 5.02
CA VAL A 99 -14.41 1.87 3.82
C VAL A 99 -14.90 2.85 2.76
N ASP A 100 -15.45 3.99 3.18
CA ASP A 100 -15.90 4.99 2.22
C ASP A 100 -14.75 5.51 1.37
N LYS A 101 -13.56 5.58 1.94
CA LYS A 101 -12.37 5.99 1.21
C LYS A 101 -11.56 4.81 0.68
N ASP A 102 -11.96 3.58 0.99
CA ASP A 102 -11.18 2.40 0.64
C ASP A 102 -9.81 2.45 1.28
N LEU A 103 -9.76 2.85 2.55
CA LEU A 103 -8.51 3.15 3.24
C LEU A 103 -8.48 2.48 4.59
N VAL A 104 -7.32 1.91 4.92
CA VAL A 104 -7.03 1.41 6.26
C VAL A 104 -5.61 1.82 6.59
N GLY A 105 -5.27 1.74 7.88
CA GLY A 105 -3.94 2.10 8.31
C GLY A 105 -3.52 1.43 9.60
N TRP A 106 -2.25 1.04 9.69
CA TRP A 106 -1.68 0.51 10.91
C TRP A 106 -0.57 1.42 11.41
N GLN A 107 -0.23 1.25 12.69
CA GLN A 107 1.00 1.82 13.22
C GLN A 107 2.18 1.43 12.34
N ALA A 108 2.94 2.43 11.90
CA ALA A 108 4.08 2.15 11.03
C ALA A 108 5.07 1.24 11.77
N PRO A 109 5.51 0.15 11.15
CA PRO A 109 6.41 -0.77 11.86
C PRO A 109 7.74 -0.12 12.18
N GLN A 110 8.36 -0.59 13.26
CA GLN A 110 9.69 -0.11 13.63
C GLN A 110 10.68 -0.41 12.52
N GLY A 111 11.48 0.60 12.17
CA GLY A 111 12.44 0.50 11.10
C GLY A 111 11.98 1.08 9.78
N SER A 112 10.68 1.30 9.64
CA SER A 112 10.16 1.94 8.44
C SER A 112 10.49 3.43 8.44
N ARG A 113 10.59 4.00 7.24
CA ARG A 113 10.75 5.43 7.06
C ARG A 113 9.46 5.97 6.46
N SER A 114 8.91 7.02 7.06
CA SER A 114 7.67 7.61 6.59
C SER A 114 7.95 8.64 5.50
N LEU A 115 7.07 8.68 4.50
CA LEU A 115 7.10 9.75 3.51
C LEU A 115 6.45 10.99 4.09
N THR A 116 6.92 12.15 3.63
CA THR A 116 6.35 13.42 4.08
C THR A 116 5.34 13.93 3.07
N PRO A 117 4.19 14.44 3.52
CA PRO A 117 3.17 14.90 2.56
C PRO A 117 3.72 15.95 1.60
N CYS A 118 3.24 15.89 0.36
CA CYS A 118 3.66 16.85 -0.64
C CYS A 118 2.97 18.20 -0.41
N THR A 119 3.75 19.27 -0.59
CA THR A 119 3.28 20.64 -0.35
C THR A 119 3.60 21.53 -1.54
N CYS A 120 3.89 20.95 -2.70
CA CYS A 120 4.30 21.72 -3.86
C CYS A 120 3.17 21.91 -4.88
N GLY A 121 2.11 21.12 -4.80
CA GLY A 121 1.01 21.26 -5.74
C GLY A 121 1.40 21.00 -7.17
N SER A 122 2.36 20.13 -7.40
CA SER A 122 2.87 19.88 -8.75
C SER A 122 1.92 18.98 -9.53
N SER A 123 1.79 19.27 -10.82
CA SER A 123 1.01 18.42 -11.71
C SER A 123 1.79 17.20 -12.17
N ASP A 124 3.12 17.25 -12.13
CA ASP A 124 3.95 16.11 -12.50
C ASP A 124 4.02 15.14 -11.32
N LEU A 125 3.33 14.01 -11.45
CA LEU A 125 3.30 12.99 -10.43
C LEU A 125 3.98 11.72 -10.94
N TYR A 126 4.29 10.82 -10.01
CA TYR A 126 4.97 9.58 -10.34
C TYR A 126 4.42 8.45 -9.48
N LEU A 127 3.96 7.39 -10.13
CA LEU A 127 3.37 6.24 -9.45
C LEU A 127 4.41 5.13 -9.33
N VAL A 128 4.54 4.60 -8.13
CA VAL A 128 5.47 3.51 -7.84
C VAL A 128 4.69 2.22 -7.77
N THR A 129 4.99 1.29 -8.68
CA THR A 129 4.28 0.02 -8.74
C THR A 129 4.98 -1.03 -7.88
N ARG A 130 4.33 -2.20 -7.78
CA ARG A 130 4.92 -3.33 -7.05
C ARG A 130 6.15 -3.87 -7.76
N HIS A 131 6.31 -3.58 -9.05
CA HIS A 131 7.47 -4.00 -9.82
C HIS A 131 8.57 -2.95 -9.85
N ALA A 132 8.44 -1.90 -9.05
CA ALA A 132 9.39 -0.79 -9.00
C ALA A 132 9.36 0.06 -10.26
N ASP A 133 8.29 -0.04 -11.05
CA ASP A 133 8.07 0.92 -12.12
C ASP A 133 7.74 2.28 -11.54
N VAL A 134 8.34 3.32 -12.10
CA VAL A 134 8.02 4.70 -11.74
C VAL A 134 7.30 5.30 -12.95
N ILE A 135 5.99 5.39 -12.87
CA ILE A 135 5.15 5.76 -14.02
C ILE A 135 4.79 7.23 -13.88
N PRO A 136 5.08 8.07 -14.89
CA PRO A 136 4.68 9.48 -14.80
C PRO A 136 3.16 9.60 -14.87
N VAL A 137 2.62 10.51 -14.05
CA VAL A 137 1.18 10.74 -14.00
C VAL A 137 0.94 12.24 -13.94
N ARG A 138 0.06 12.74 -14.82
CA ARG A 138 -0.33 14.14 -14.82
C ARG A 138 -1.59 14.29 -13.96
N ARG A 139 -1.46 15.03 -12.86
CA ARG A 139 -2.60 15.20 -11.96
C ARG A 139 -3.72 15.93 -12.66
N ARG A 140 -4.94 15.40 -12.53
CA ARG A 140 -6.11 15.97 -13.16
C ARG A 140 -7.19 16.41 -12.19
N GLY A 141 -7.15 15.96 -10.94
CA GLY A 141 -8.15 16.35 -9.97
C GLY A 141 -7.68 16.06 -8.57
N ASP A 142 -8.62 16.22 -7.63
N ASP A 142 -8.62 16.19 -7.61
CA ASP A 142 -8.32 15.94 -6.22
CA ASP A 142 -8.28 15.94 -6.22
C ASP A 142 -7.80 14.52 -6.05
C ASP A 142 -7.80 14.51 -6.03
N SER A 143 -8.42 13.55 -6.73
CA SER A 143 -8.07 12.14 -6.57
C SER A 143 -7.87 11.44 -7.92
N ARG A 144 -7.53 12.17 -8.96
CA ARG A 144 -7.34 11.58 -10.28
C ARG A 144 -6.01 12.03 -10.88
N GLY A 145 -5.42 11.13 -11.67
CA GLY A 145 -4.21 11.43 -12.40
C GLY A 145 -4.20 10.71 -13.73
N SER A 146 -3.78 11.40 -14.78
CA SER A 146 -3.79 10.82 -16.12
C SER A 146 -2.46 10.13 -16.41
N LEU A 147 -2.54 8.94 -16.99
CA LEU A 147 -1.35 8.22 -17.41
C LEU A 147 -0.83 8.85 -18.70
N LEU A 148 0.43 9.28 -18.70
CA LEU A 148 1.04 9.79 -19.92
C LEU A 148 0.99 8.76 -21.03
N SER A 149 1.10 7.48 -20.67
CA SER A 149 1.00 6.40 -21.66
C SER A 149 0.05 5.33 -21.16
N PRO A 150 -1.13 5.17 -21.77
CA PRO A 150 -2.03 4.09 -21.37
C PRO A 150 -1.40 2.71 -21.50
N ARG A 151 -1.68 1.86 -20.51
CA ARG A 151 -1.12 0.53 -20.32
C ARG A 151 -2.26 -0.45 -20.18
N PRO A 152 -1.97 -1.77 -20.32
CA PRO A 152 -2.97 -2.76 -19.89
C PRO A 152 -3.13 -2.70 -18.38
N ILE A 153 -4.38 -2.82 -17.92
CA ILE A 153 -4.66 -2.79 -16.49
C ILE A 153 -3.83 -3.82 -15.74
N SER A 154 -3.36 -4.84 -16.44
CA SER A 154 -2.53 -5.87 -15.82
C SER A 154 -1.32 -5.26 -15.13
N TYR A 155 -0.65 -4.30 -15.78
CA TYR A 155 0.61 -3.79 -15.24
C TYR A 155 0.43 -3.09 -13.91
N LEU A 156 -0.76 -2.54 -13.66
CA LEU A 156 -1.03 -1.85 -12.41
C LEU A 156 -1.66 -2.75 -11.36
N LYS A 157 -2.16 -3.91 -11.75
CA LYS A 157 -2.76 -4.83 -10.79
C LYS A 157 -1.76 -5.19 -9.70
N GLY A 158 -2.22 -5.14 -8.45
CA GLY A 158 -1.36 -5.42 -7.32
C GLY A 158 -0.56 -4.24 -6.82
N SER A 159 -0.83 -3.03 -7.30
CA SER A 159 -0.13 -1.84 -6.88
C SER A 159 -0.99 -0.90 -6.04
N SER A 160 -2.26 -1.25 -5.79
CA SER A 160 -3.06 -0.49 -4.85
C SER A 160 -2.33 -0.41 -3.52
N GLY A 161 -2.54 0.70 -2.81
CA GLY A 161 -1.79 0.98 -1.61
C GLY A 161 -0.42 1.57 -1.83
N GLY A 162 0.07 1.55 -3.06
CA GLY A 162 1.33 2.20 -3.39
C GLY A 162 1.16 3.69 -3.56
N PRO A 163 2.29 4.39 -3.59
CA PRO A 163 2.24 5.85 -3.56
C PRO A 163 2.29 6.52 -4.93
N LEU A 164 1.62 7.66 -4.99
CA LEU A 164 1.87 8.67 -6.00
C LEU A 164 2.73 9.75 -5.35
N LEU A 165 3.87 10.06 -5.97
CA LEU A 165 4.85 10.95 -5.38
C LEU A 165 5.02 12.20 -6.23
N CYS A 166 5.41 13.28 -5.55
CA CYS A 166 5.77 14.55 -6.18
C CYS A 166 7.10 14.41 -6.90
N PRO A 167 7.54 15.45 -7.61
CA PRO A 167 8.92 15.43 -8.15
C PRO A 167 9.98 15.34 -7.06
N ALA A 168 9.68 15.83 -5.85
CA ALA A 168 10.61 15.78 -4.74
C ALA A 168 10.51 14.49 -3.94
N GLY A 169 9.71 13.53 -4.39
CA GLY A 169 9.49 12.32 -3.63
C GLY A 169 8.55 12.48 -2.46
N HIS A 170 7.83 13.59 -2.37
CA HIS A 170 6.83 13.76 -1.33
C HIS A 170 5.56 13.00 -1.69
N ALA A 171 4.89 12.49 -0.66
CA ALA A 171 3.69 11.67 -0.86
C ALA A 171 2.51 12.53 -1.27
N VAL A 172 1.89 12.19 -2.41
CA VAL A 172 0.74 12.93 -2.90
C VAL A 172 -0.54 12.13 -2.67
N GLY A 173 -0.46 10.80 -2.76
CA GLY A 173 -1.66 10.00 -2.56
C GLY A 173 -1.36 8.53 -2.51
N ILE A 174 -2.43 7.76 -2.28
CA ILE A 174 -2.37 6.30 -2.18
C ILE A 174 -3.16 5.71 -3.33
N PHE A 175 -2.48 5.00 -4.22
CA PHE A 175 -3.13 4.37 -5.38
C PHE A 175 -4.29 3.50 -4.92
N ARG A 176 -5.48 3.77 -5.45
CA ARG A 176 -6.70 3.11 -5.03
C ARG A 176 -7.38 2.33 -6.15
N ALA A 177 -7.58 2.94 -7.31
CA ALA A 177 -8.30 2.30 -8.40
C ALA A 177 -7.84 2.90 -9.73
N ALA A 178 -8.25 2.28 -10.82
CA ALA A 178 -7.85 2.69 -12.15
C ALA A 178 -9.08 2.98 -13.00
N VAL A 179 -8.97 4.02 -13.83
CA VAL A 179 -10.00 4.34 -14.82
C VAL A 179 -9.76 3.38 -15.99
N CYS A 180 -10.56 2.33 -16.04
CA CYS A 180 -10.39 1.26 -17.02
C CYS A 180 -11.48 1.38 -18.08
N THR A 181 -11.09 1.38 -19.35
CA THR A 181 -12.07 1.17 -20.41
C THR A 181 -11.74 -0.11 -21.14
N ARG A 182 -12.61 -1.11 -20.93
CA ARG A 182 -12.50 -2.41 -21.57
C ARG A 182 -11.06 -2.89 -21.61
N GLY A 183 -10.43 -2.93 -20.44
CA GLY A 183 -9.16 -3.59 -20.27
C GLY A 183 -7.94 -2.69 -20.20
N VAL A 184 -8.04 -1.46 -20.70
CA VAL A 184 -6.91 -0.54 -20.71
C VAL A 184 -7.10 0.48 -19.59
N ALA A 185 -5.99 0.94 -19.04
CA ALA A 185 -5.99 1.93 -17.96
C ALA A 185 -5.51 3.26 -18.53
N LYS A 186 -6.41 4.23 -18.55
CA LYS A 186 -6.08 5.58 -19.03
C LYS A 186 -5.69 6.52 -17.90
N ALA A 187 -6.24 6.32 -16.71
CA ALA A 187 -5.95 7.19 -15.57
C ALA A 187 -6.00 6.35 -14.30
N VAL A 188 -5.59 6.96 -13.19
CA VAL A 188 -5.58 6.31 -11.89
C VAL A 188 -6.35 7.17 -10.88
N ASP A 189 -7.00 6.50 -9.93
CA ASP A 189 -7.69 7.13 -8.83
C ASP A 189 -6.93 6.83 -7.54
N PHE A 190 -6.74 7.85 -6.70
CA PHE A 190 -5.93 7.69 -5.51
C PHE A 190 -6.52 8.48 -4.35
N ILE A 191 -6.18 8.03 -3.14
CA ILE A 191 -6.59 8.68 -1.90
C ILE A 191 -5.66 9.88 -1.68
N PRO A 192 -6.17 11.11 -1.76
CA PRO A 192 -5.28 12.27 -1.61
C PRO A 192 -4.63 12.27 -0.23
N VAL A 193 -3.37 12.73 -0.19
CA VAL A 193 -2.67 12.83 1.09
C VAL A 193 -3.41 13.78 2.03
N GLU A 194 -4.10 14.77 1.47
CA GLU A 194 -4.88 15.68 2.30
C GLU A 194 -6.10 14.98 2.89
N SER A 195 -6.64 13.97 2.19
CA SER A 195 -7.69 13.15 2.78
C SER A 195 -7.14 12.27 3.88
N LEU A 196 -5.90 11.79 3.74
CA LEU A 196 -5.24 11.10 4.84
C LEU A 196 -5.11 12.01 6.06
N GLU A 197 -4.61 13.24 5.84
CA GLU A 197 -4.45 14.17 6.95
C GLU A 197 -5.79 14.57 7.54
N THR A 198 -6.86 14.52 6.76
CA THR A 198 -8.19 14.76 7.30
C THR A 198 -8.63 13.59 8.19
N THR A 199 -8.38 12.36 7.73
CA THR A 199 -8.71 11.20 8.56
C THR A 199 -7.91 11.17 9.84
N MET A 200 -6.67 11.69 9.82
CA MET A 200 -5.82 11.67 11.00
C MET A 200 -6.18 12.75 12.02
N ARG A 201 -6.95 13.76 11.61
CA ARG A 201 -7.33 14.84 12.51
C ARG A 201 -8.77 14.69 13.00
C13 O31 B . -6.05 -0.88 -9.46
C20 O31 B . -10.01 -1.78 -7.25
C21 O31 B . -10.62 -2.86 -6.44
C22 O31 B . -12.06 -2.56 -6.65
C01 O31 B . -7.51 -6.36 -5.48
C02 O31 B . -6.09 -5.96 -5.06
C03 O31 B . -5.32 -6.97 -4.19
C04 O31 B . -5.87 -5.67 -3.57
C09 O31 B . -5.36 -2.65 -7.63
C11 O31 B . -6.17 -1.40 -8.03
C12 O31 B . -5.38 -0.12 -8.31
C14 O31 B . -5.08 -1.58 -10.43
C18 O31 B . -8.65 -2.04 -7.84
C23 O31 B . -12.15 -2.54 -8.15
C25 O31 B . -10.67 -0.89 -9.68
C27 O31 B . -11.69 -0.89 -10.84
C29 O31 B . -12.82 1.35 -10.65
C32 O31 B . -13.79 3.51 -10.40
C33 O31 B . -13.96 4.72 -11.26
C34 O31 B . -12.89 5.67 -10.80
C35 O31 B . -12.55 5.29 -9.35
C36 O31 B . -13.41 4.04 -9.02
C38 O31 B . -15.04 3.27 -7.50
C39 O31 B . -14.06 2.98 -6.32
C40 O31 B . -13.52 1.76 -6.18
C41 O31 B . -12.54 1.48 -5.02
C42 O31 B . -12.97 0.22 -4.24
C44 O31 B . -13.85 -0.86 -2.11
C45 O31 B . -14.33 -0.73 -0.77
C46 O31 B . -14.72 -1.86 -0.05
C47 O31 B . -14.63 -3.14 -0.63
C48 O31 B . -14.18 -3.28 -1.96
C49 O31 B . -13.79 -2.14 -2.69
C51 O31 B . -12.87 -1.14 -4.87
C55 O31 B . -11.17 -1.79 -11.99
C56 O31 B . -10.81 -3.20 -11.43
C57 O31 B . -9.88 -1.17 -12.61
C58 O31 B . -12.26 -1.91 -13.09
F15 O31 B . -4.91 -0.79 -11.53
F16 O31 B . -5.60 -2.78 -10.82
F53 O31 B . -12.48 2.54 -4.18
F54 O31 B . -11.28 1.25 -5.53
N08 O31 B . -5.94 -3.57 -6.65
N17 O31 B . -7.51 -1.18 -7.43
N24 O31 B . -10.95 -1.67 -8.44
N28 O31 B . -11.89 0.44 -11.33
N43 O31 B . -13.43 0.36 -2.89
N50 O31 B . -13.27 -2.30 -4.12
O06 O31 B . -3.79 -4.59 -5.58
O07 O31 B . -4.63 -5.74 -7.36
O10 O31 B . -4.29 -2.88 -8.08
O19 O31 B . -8.49 -2.90 -8.63
O26 O31 B . -9.67 -0.26 -9.78
O30 O31 B . -13.61 0.91 -9.87
O31 O31 B . -12.74 2.74 -10.93
O37 O31 B . -14.53 4.36 -8.27
O52 O31 B . -12.39 -1.22 -6.23
S05 O31 B . -5.05 -4.96 -6.19
H131 O31 B . -6.89 -0.52 -9.80
H201 O31 B . -9.95 -1.01 -6.66
H212 O31 B . -10.40 -3.74 -6.79
H211 O31 B . -10.37 -2.80 -5.51
H221 O31 B . -12.62 -3.19 -6.20
H012 O31 B . -7.51 -7.26 -5.83
H013 O31 B . -8.10 -6.31 -4.71
H011 O31 B . -7.83 -5.75 -6.17
H031 O31 B . -4.37 -7.00 -4.32
H032 O31 B . -5.81 -7.78 -3.97
H042 O31 B . -6.66 -5.78 -3.02
H041 O31 B . -5.22 -5.00 -3.36
H122 O31 B . -4.41 -0.21 -8.26
H121 O31 B . -5.81 0.71 -8.04
H141 O31 B . -4.23 -1.73 -9.98
H231 O31 B . -12.04 -3.42 -8.52
H232 O31 B . -12.97 -2.12 -8.46
H271 O31 B . -12.54 -1.25 -10.50
H321 O31 B . -14.62 3.00 -10.33
H332 O31 B . -14.84 5.11 -11.13
H331 O31 B . -13.84 4.49 -12.20
H342 O31 B . -13.21 6.58 -10.83
H341 O31 B . -12.09 5.57 -11.36
H352 O31 B . -11.61 5.08 -9.27
H351 O31 B . -12.78 6.02 -8.75
H361 O31 B . -12.89 3.39 -8.51
H382 O31 B . -15.91 3.51 -7.15
H381 O31 B . -15.11 2.49 -8.06
H391 O31 B . -13.87 3.65 -5.70
H401 O31 B . -13.73 1.09 -6.79
H451 O31 B . -14.38 0.12 -0.39
H461 O31 B . -15.02 -1.77 0.82
H471 O31 B . -14.89 -3.90 -0.15
H481 O31 B . -14.12 -4.12 -2.34
H563 O31 B . -10.55 -3.78 -12.16
H562 O31 B . -11.59 -3.58 -10.99
H561 O31 B . -10.09 -3.13 -10.79
H571 O31 B . -9.12 -1.75 -12.44
H573 O31 B . -9.72 -0.30 -12.22
H572 O31 B . -10.00 -1.07 -13.57
H583 O31 B . -12.00 -2.61 -13.72
H582 O31 B . -12.35 -1.08 -13.56
H581 O31 B . -13.10 -2.16 -12.67
H081 O31 B . -6.71 -3.42 -6.31
H171 O31 B . -7.64 -0.54 -6.86
H281 O31 B . -11.46 0.70 -12.04
ZN ZN C . 5.73 17.77 -4.03
S SO4 D . -10.54 -11.83 0.68
O1 SO4 D . -10.13 -12.20 2.03
O2 SO4 D . -9.57 -10.90 0.11
O3 SO4 D . -10.62 -13.03 -0.16
O4 SO4 D . -11.85 -11.20 0.73
S SO4 E . 17.88 -7.94 -3.30
O1 SO4 E . 18.36 -6.70 -2.68
O2 SO4 E . 17.84 -7.78 -4.75
O3 SO4 E . 18.78 -9.03 -2.95
O4 SO4 E . 16.54 -8.24 -2.80
CL CL F . -10.76 10.01 -0.30
#